data_1YQR
#
_entry.id   1YQR
#
_cell.length_a   92.106
_cell.length_b   92.106
_cell.length_c   211.060
_cell.angle_alpha   90.00
_cell.angle_beta   90.00
_cell.angle_gamma   120.00
#
_symmetry.space_group_name_H-M   'P 65 2 2'
#
loop_
_entity.id
_entity.type
_entity.pdbx_description
1 polymer "5'-D(P*GP*GP*TP*AP*GP*AP*CP*CP*TP*GP*GP*AP*CP*G)-3'"
2 polymer "5'-D(P*CP*GP*TP*CP*CP*AP*(8OG)P*GP*TP*CP*TP*AP*CP*C)-3'"
3 polymer 'N-glycosylase/DNA lyase'
4 non-polymer 'CALCIUM ION'
5 water water
#
loop_
_entity_poly.entity_id
_entity_poly.type
_entity_poly.pdbx_seq_one_letter_code
_entity_poly.pdbx_strand_id
1 'polydeoxyribonucleotide' (DG)(DG)(DT)(DA)(DG)(DA)(DC)(DC)(DT)(DG)(DG)(DA)(DC)(DG) B
2 'polydeoxyribonucleotide' (DC)(DG)(DT)(DC)(DC)(DA)(8OG)(DG)(DT)(DC)(DT)(DA)(DC)(DC) C
3 'polypeptide(L)'
;SEFGHRTLASTPALWASIPCPRSELRLDLVLPSGQSFRWREQSPAHWSGVLADQVWTLTQTEEQLHCTVYRGDKSQASRP
TPDELEAVRKYFQLDVTLAQLYHHWGSVDSHFQEVAQKFQGVRLLRQDPIECLFSFICSSCNNIARITGMVERLCQAFGP
RLIQLDDVTYHGFPSLQALAGPEVEAHLRKLGLGYRARYVSASARAILEEQGGLAWLQQLRESSYEEAHKALCILPGVGT
QVADCICLMALDKPQAVPVDVHMWHIAQRDYSWHPTTSQAKGPSPQTNKELGNFFRSLWGPYAGWAQAVLFSADLRQSR
;
A
#
loop_
_chem_comp.id
_chem_comp.type
_chem_comp.name
_chem_comp.formula
8OG DNA linking 8-OXO-2'-DEOXY-GUANOSINE-5'-MONOPHOSPHATE 'C10 H14 N5 O8 P'
CA non-polymer 'CALCIUM ION' 'Ca 2'
DA DNA linking 2'-DEOXYADENOSINE-5'-MONOPHOSPHATE 'C10 H14 N5 O6 P'
DC DNA linking 2'-DEOXYCYTIDINE-5'-MONOPHOSPHATE 'C9 H14 N3 O7 P'
DG DNA linking 2'-DEOXYGUANOSINE-5'-MONOPHOSPHATE 'C10 H14 N5 O7 P'
DT DNA linking THYMIDINE-5'-MONOPHOSPHATE 'C10 H15 N2 O8 P'
#
# COMPACT_ATOMS: atom_id res chain seq x y z
P 8OG B 7 -4.37 -12.08 4.50
OP1 8OG B 7 -4.30 -11.86 3.03
OP2 8OG B 7 -3.50 -13.10 5.13
O5' 8OG B 7 -4.10 -10.71 5.26
C5' 8OG B 7 -5.14 -9.75 5.42
C4' 8OG B 7 -5.01 -9.04 6.75
O4' 8OG B 7 -3.74 -8.35 6.82
C3' 8OG B 7 -6.06 -7.98 7.02
O3' 8OG B 7 -6.25 -7.88 8.44
C2' 8OG B 7 -5.39 -6.71 6.52
C1' 8OG B 7 -3.96 -6.96 6.97
N9 8OG B 7 -2.93 -6.27 6.23
C8 8OG B 7 -2.90 -5.94 4.90
N7 8OG B 7 -1.80 -5.35 4.51
C5 8OG B 7 -1.04 -5.28 5.68
C6 8OG B 7 0.27 -4.79 5.90
O6 8OG B 7 1.07 -4.27 5.10
N1 8OG B 7 0.65 -4.93 7.24
C2 8OG B 7 -0.13 -5.49 8.23
N2 8OG B 7 0.42 -5.56 9.45
N3 8OG B 7 -1.35 -5.96 8.03
C4 8OG B 7 -1.74 -5.83 6.75
O8 8OG B 7 -3.83 -6.20 4.12
N SER C 1 3.55 -5.17 -31.23
CA SER C 1 2.11 -4.84 -31.49
C SER C 1 1.66 -3.55 -30.81
N GLU C 2 0.78 -2.81 -31.49
CA GLU C 2 0.29 -1.56 -30.97
C GLU C 2 -0.76 -1.71 -29.86
N PHE C 3 -1.28 -2.92 -29.69
CA PHE C 3 -2.32 -3.13 -28.69
C PHE C 3 -1.99 -4.09 -27.55
N GLY C 4 -2.79 -4.01 -26.49
CA GLY C 4 -2.61 -4.85 -25.33
C GLY C 4 -1.52 -4.34 -24.41
N HIS C 5 -1.34 -5.03 -23.28
CA HIS C 5 -0.32 -4.65 -22.33
C HIS C 5 1.04 -4.89 -22.98
N ARG C 6 1.95 -3.94 -22.81
CA ARG C 6 3.28 -4.06 -23.39
C ARG C 6 4.21 -4.91 -22.54
N THR C 7 5.29 -5.34 -23.16
CA THR C 7 6.33 -6.10 -22.46
C THR C 7 7.59 -5.40 -22.92
N LEU C 8 8.66 -5.54 -22.16
CA LEU C 8 9.93 -4.91 -22.51
C LEU C 8 10.46 -5.39 -23.86
N ALA C 9 10.23 -6.66 -24.16
CA ALA C 9 10.70 -7.25 -25.42
C ALA C 9 9.92 -6.83 -26.66
N SER C 10 8.60 -6.77 -26.54
CA SER C 10 7.74 -6.42 -27.66
C SER C 10 7.75 -4.97 -28.13
N THR C 11 7.97 -4.02 -27.22
CA THR C 11 7.99 -2.61 -27.62
C THR C 11 9.11 -1.85 -26.93
N PRO C 12 10.37 -2.22 -27.23
CA PRO C 12 11.60 -1.63 -26.68
C PRO C 12 11.68 -0.11 -26.64
N ALA C 13 11.30 0.56 -27.72
CA ALA C 13 11.39 2.02 -27.77
C ALA C 13 10.40 2.73 -26.86
N LEU C 14 9.48 1.98 -26.28
CA LEU C 14 8.49 2.58 -25.40
C LEU C 14 8.84 2.51 -23.92
N TRP C 15 9.94 1.84 -23.59
CA TRP C 15 10.36 1.73 -22.20
C TRP C 15 11.60 2.59 -21.90
N ALA C 16 11.63 3.13 -20.69
CA ALA C 16 12.75 3.94 -20.22
C ALA C 16 13.08 3.31 -18.89
N SER C 17 14.36 3.30 -18.51
CA SER C 17 14.72 2.66 -17.27
C SER C 17 15.14 3.62 -16.18
N ILE C 18 15.19 3.10 -14.97
CA ILE C 18 15.60 3.84 -13.80
C ILE C 18 16.59 2.95 -13.07
N PRO C 19 17.81 3.44 -12.82
CA PRO C 19 18.80 2.62 -12.12
C PRO C 19 18.18 2.17 -10.81
N CYS C 20 18.09 0.86 -10.62
CA CYS C 20 17.51 0.33 -9.40
C CYS C 20 17.80 -1.15 -9.28
N PRO C 21 18.76 -1.51 -8.42
CA PRO C 21 19.11 -2.92 -8.24
C PRO C 21 17.97 -3.68 -7.56
N ARG C 22 17.88 -4.98 -7.82
CA ARG C 22 16.83 -5.79 -7.20
C ARG C 22 16.93 -5.76 -5.69
N SER C 23 18.15 -5.59 -5.18
CA SER C 23 18.35 -5.53 -3.74
C SER C 23 17.67 -4.31 -3.14
N GLU C 24 17.36 -3.32 -3.99
CA GLU C 24 16.69 -2.10 -3.53
C GLU C 24 15.19 -2.16 -3.74
N LEU C 25 14.74 -3.11 -4.56
CA LEU C 25 13.31 -3.22 -4.85
C LEU C 25 12.95 -4.50 -5.58
N ARG C 26 12.00 -5.25 -5.02
CA ARG C 26 11.52 -6.47 -5.65
C ARG C 26 10.02 -6.28 -5.88
N LEU C 27 9.66 -5.95 -7.12
CA LEU C 27 8.26 -5.74 -7.48
C LEU C 27 7.35 -6.90 -7.05
N ASP C 28 7.79 -8.13 -7.28
CA ASP C 28 6.96 -9.27 -6.92
C ASP C 28 6.80 -9.49 -5.41
N LEU C 29 7.56 -8.76 -4.61
CA LEU C 29 7.44 -8.90 -3.16
C LEU C 29 6.78 -7.67 -2.54
N VAL C 30 6.59 -6.64 -3.35
CA VAL C 30 5.98 -5.40 -2.88
C VAL C 30 4.56 -5.20 -3.42
N LEU C 31 4.43 -5.15 -4.75
CA LEU C 31 3.16 -4.92 -5.41
C LEU C 31 1.95 -5.77 -5.04
N PRO C 32 2.13 -7.09 -4.82
CA PRO C 32 0.99 -7.94 -4.47
C PRO C 32 0.94 -8.34 -3.00
N SER C 33 1.74 -7.69 -2.17
CA SER C 33 1.83 -8.05 -0.76
C SER C 33 0.94 -7.33 0.24
N GLY C 34 -0.08 -6.62 -0.25
CA GLY C 34 -0.98 -5.95 0.67
C GLY C 34 -0.72 -4.48 1.02
N GLN C 35 0.09 -3.77 0.23
CA GLN C 35 0.31 -2.36 0.49
C GLN C 35 -0.70 -1.67 -0.41
N SER C 36 -0.53 -1.84 -1.71
CA SER C 36 -1.45 -1.30 -2.71
C SER C 36 -2.15 -2.55 -3.28
N PHE C 37 -3.43 -2.43 -3.59
CA PHE C 37 -4.16 -3.57 -4.12
C PHE C 37 -4.48 -3.35 -5.59
N ARG C 38 -3.82 -2.39 -6.21
CA ARG C 38 -4.13 -2.06 -7.59
C ARG C 38 -3.10 -2.39 -8.67
N TRP C 39 -2.24 -3.36 -8.39
CA TRP C 39 -1.25 -3.76 -9.38
C TRP C 39 -1.43 -5.22 -9.75
N ARG C 40 -1.42 -5.50 -11.04
CA ARG C 40 -1.60 -6.88 -11.52
C ARG C 40 -0.49 -7.28 -12.48
N GLU C 41 -0.01 -8.50 -12.32
CA GLU C 41 1.03 -9.02 -13.18
C GLU C 41 0.34 -9.55 -14.44
N GLN C 42 -0.05 -8.66 -15.35
CA GLN C 42 -0.75 -9.07 -16.57
C GLN C 42 0.06 -10.00 -17.45
N SER C 43 1.38 -9.79 -17.48
CA SER C 43 2.31 -10.63 -18.22
C SER C 43 3.37 -11.05 -17.21
N PRO C 44 3.93 -12.25 -17.35
CA PRO C 44 4.97 -12.66 -16.40
C PRO C 44 6.00 -11.57 -16.16
N ALA C 45 6.24 -11.26 -14.88
CA ALA C 45 7.19 -10.23 -14.46
C ALA C 45 6.80 -8.79 -14.85
N HIS C 46 5.63 -8.60 -15.45
CA HIS C 46 5.19 -7.26 -15.84
C HIS C 46 3.97 -6.86 -15.03
N TRP C 47 4.11 -5.78 -14.26
CA TRP C 47 3.03 -5.29 -13.41
C TRP C 47 2.39 -4.01 -13.94
N SER C 48 1.07 -4.03 -14.12
CA SER C 48 0.35 -2.86 -14.61
C SER C 48 -0.59 -2.28 -13.56
N GLY C 49 -0.71 -0.96 -13.55
CA GLY C 49 -1.58 -0.30 -12.60
C GLY C 49 -1.60 1.21 -12.77
N VAL C 50 -2.42 1.88 -11.99
CA VAL C 50 -2.49 3.32 -12.07
C VAL C 50 -1.48 3.95 -11.13
N LEU C 51 -0.69 4.88 -11.65
CA LEU C 51 0.33 5.56 -10.87
C LEU C 51 0.33 7.02 -11.30
N ALA C 52 0.14 7.91 -10.34
CA ALA C 52 0.09 9.34 -10.63
C ALA C 52 -0.92 9.66 -11.74
N ASP C 53 -2.13 9.10 -11.61
CA ASP C 53 -3.22 9.31 -12.56
C ASP C 53 -3.02 8.79 -14.00
N GLN C 54 -2.05 7.91 -14.19
CA GLN C 54 -1.81 7.32 -15.50
C GLN C 54 -1.54 5.83 -15.33
N VAL C 55 -1.78 5.08 -16.40
CA VAL C 55 -1.55 3.64 -16.39
C VAL C 55 -0.09 3.39 -16.76
N TRP C 56 0.54 2.44 -16.09
CA TRP C 56 1.93 2.08 -16.33
C TRP C 56 2.09 0.57 -16.24
N THR C 57 3.18 0.08 -16.81
CA THR C 57 3.52 -1.33 -16.73
C THR C 57 4.98 -1.25 -16.27
N LEU C 58 5.33 -2.03 -15.27
CA LEU C 58 6.69 -2.00 -14.75
C LEU C 58 7.26 -3.41 -14.74
N THR C 59 8.57 -3.49 -14.92
CA THR C 59 9.26 -4.78 -14.93
C THR C 59 10.73 -4.46 -14.64
N GLN C 60 11.45 -5.40 -14.03
CA GLN C 60 12.84 -5.13 -13.71
C GLN C 60 13.85 -6.16 -14.19
N THR C 61 15.09 -5.72 -14.33
CA THR C 61 16.19 -6.59 -14.72
C THR C 61 17.06 -6.55 -13.47
N GLU C 62 18.25 -7.13 -13.52
CA GLU C 62 19.10 -7.15 -12.34
C GLU C 62 19.47 -5.77 -11.81
N GLU C 63 19.72 -4.82 -12.70
CA GLU C 63 20.11 -3.48 -12.28
C GLU C 63 19.16 -2.35 -12.68
N GLN C 64 18.14 -2.67 -13.45
CA GLN C 64 17.23 -1.63 -13.91
C GLN C 64 15.74 -1.88 -13.66
N LEU C 65 15.02 -0.77 -13.46
CA LEU C 65 13.58 -0.81 -13.31
C LEU C 65 13.11 -0.20 -14.63
N HIS C 66 12.47 -1.02 -15.46
CA HIS C 66 11.99 -0.57 -16.76
C HIS C 66 10.53 -0.11 -16.63
N CYS C 67 10.25 1.08 -17.15
CA CYS C 67 8.92 1.65 -17.07
C CYS C 67 8.33 2.06 -18.42
N THR C 68 7.01 1.96 -18.53
CA THR C 68 6.31 2.37 -19.74
C THR C 68 4.96 2.97 -19.32
N VAL C 69 4.53 4.03 -19.99
CA VAL C 69 3.28 4.71 -19.67
C VAL C 69 2.29 4.71 -20.83
N TYR C 70 1.00 4.72 -20.49
CA TYR C 70 -0.06 4.76 -21.49
C TYR C 70 -0.87 6.01 -21.16
N ARG C 71 -0.61 7.08 -21.88
CA ARG C 71 -1.31 8.33 -21.63
C ARG C 71 -2.72 8.34 -22.19
N SER C 75 -2.58 10.83 -27.73
CA SER C 75 -1.30 11.22 -28.38
C SER C 75 -0.47 10.00 -28.75
N GLN C 76 0.52 10.22 -29.63
CA GLN C 76 1.39 9.14 -30.08
C GLN C 76 2.14 8.49 -28.93
N ALA C 77 2.20 7.16 -28.95
CA ALA C 77 2.89 6.41 -27.92
C ALA C 77 4.38 6.80 -27.92
N SER C 78 4.92 7.06 -26.73
CA SER C 78 6.32 7.42 -26.60
C SER C 78 6.84 6.96 -25.25
N ARG C 79 8.17 6.88 -25.14
CA ARG C 79 8.82 6.47 -23.91
C ARG C 79 8.45 7.44 -22.80
N PRO C 80 8.57 7.03 -21.53
CA PRO C 80 8.23 7.94 -20.44
C PRO C 80 9.25 9.08 -20.36
N THR C 81 8.78 10.26 -19.99
CA THR C 81 9.66 11.41 -19.86
C THR C 81 10.34 11.39 -18.49
N PRO C 82 11.40 12.20 -18.32
CA PRO C 82 12.14 12.29 -17.06
C PRO C 82 11.25 12.63 -15.86
N ASP C 83 10.29 13.53 -16.07
CA ASP C 83 9.38 13.97 -15.01
C ASP C 83 8.41 12.87 -14.61
N GLU C 84 7.82 12.19 -15.59
CA GLU C 84 6.90 11.11 -15.31
C GLU C 84 7.69 10.00 -14.62
N LEU C 85 8.96 9.89 -14.98
CA LEU C 85 9.85 8.90 -14.41
C LEU C 85 10.10 9.23 -12.93
N GLU C 86 10.16 10.52 -12.61
CA GLU C 86 10.37 10.93 -11.24
C GLU C 86 9.14 10.57 -10.44
N ALA C 87 7.98 10.52 -11.09
CA ALA C 87 6.75 10.15 -10.39
C ALA C 87 6.90 8.73 -9.89
N VAL C 88 7.52 7.87 -10.70
CA VAL C 88 7.74 6.48 -10.33
C VAL C 88 8.73 6.39 -9.17
N ARG C 89 9.83 7.13 -9.26
CA ARG C 89 10.83 7.11 -8.20
C ARG C 89 10.22 7.63 -6.90
N LYS C 90 9.32 8.60 -7.00
CA LYS C 90 8.69 9.11 -5.80
C LYS C 90 7.81 8.04 -5.19
N TYR C 91 6.98 7.40 -6.03
CA TYR C 91 6.08 6.34 -5.60
C TYR C 91 6.80 5.23 -4.84
N PHE C 92 7.99 4.85 -5.29
CA PHE C 92 8.74 3.80 -4.60
C PHE C 92 9.74 4.34 -3.57
N GLN C 93 9.74 5.65 -3.38
CA GLN C 93 10.63 6.32 -2.42
C GLN C 93 12.06 5.84 -2.59
N LEU C 94 12.52 5.84 -3.84
CA LEU C 94 13.86 5.36 -4.18
C LEU C 94 15.04 6.11 -3.56
N ASP C 95 14.80 7.29 -2.99
CA ASP C 95 15.89 8.04 -2.36
C ASP C 95 16.19 7.40 -1.00
N VAL C 96 15.26 6.57 -0.53
CA VAL C 96 15.49 5.87 0.73
C VAL C 96 16.26 4.60 0.35
N THR C 97 17.50 4.50 0.82
CA THR C 97 18.32 3.33 0.51
C THR C 97 17.93 2.14 1.37
N LEU C 98 17.35 1.14 0.73
CA LEU C 98 16.90 -0.04 1.44
C LEU C 98 18.05 -0.82 2.08
N ALA C 99 19.20 -0.85 1.42
CA ALA C 99 20.34 -1.58 1.97
C ALA C 99 20.79 -1.01 3.33
N GLN C 100 20.60 0.29 3.52
CA GLN C 100 20.98 0.94 4.78
C GLN C 100 20.01 0.54 5.90
N LEU C 101 18.73 0.47 5.59
CA LEU C 101 17.73 0.08 6.59
C LEU C 101 17.93 -1.39 6.95
N TYR C 102 18.03 -2.24 5.95
CA TYR C 102 18.21 -3.68 6.16
C TYR C 102 19.43 -3.94 7.03
N HIS C 103 20.51 -3.19 6.81
CA HIS C 103 21.73 -3.36 7.61
C HIS C 103 21.44 -3.05 9.07
N HIS C 104 20.84 -1.89 9.31
CA HIS C 104 20.51 -1.49 10.67
C HIS C 104 19.61 -2.51 11.35
N TRP C 105 18.44 -2.77 10.77
CA TRP C 105 17.52 -3.73 11.35
C TRP C 105 18.26 -5.04 11.60
N GLY C 106 19.08 -5.45 10.65
CA GLY C 106 19.83 -6.68 10.80
C GLY C 106 20.76 -6.69 12.00
N SER C 107 21.40 -5.56 12.28
CA SER C 107 22.33 -5.45 13.39
C SER C 107 21.66 -5.54 14.75
N VAL C 108 20.50 -4.92 14.89
CA VAL C 108 19.80 -4.92 16.16
C VAL C 108 18.79 -6.07 16.31
N ASP C 109 18.68 -6.92 15.31
CA ASP C 109 17.73 -8.02 15.38
C ASP C 109 18.17 -9.22 14.55
N SER C 110 18.76 -10.19 15.25
CA SER C 110 19.24 -11.41 14.62
C SER C 110 18.18 -12.13 13.79
N HIS C 111 16.94 -12.12 14.23
CA HIS C 111 15.92 -12.81 13.44
C HIS C 111 15.65 -12.06 12.16
N PHE C 112 15.65 -10.73 12.21
CA PHE C 112 15.40 -9.97 11.01
C PHE C 112 16.47 -10.31 9.98
N GLN C 113 17.73 -10.31 10.41
CA GLN C 113 18.82 -10.61 9.50
C GLN C 113 18.63 -11.95 8.81
N GLU C 114 18.15 -12.95 9.54
CA GLU C 114 17.95 -14.26 8.95
C GLU C 114 16.95 -14.17 7.80
N VAL C 115 15.77 -13.60 8.06
CA VAL C 115 14.73 -13.47 7.05
C VAL C 115 15.13 -12.54 5.90
N ALA C 116 15.77 -11.43 6.24
CA ALA C 116 16.20 -10.45 5.25
C ALA C 116 17.11 -11.03 4.18
N GLN C 117 17.82 -12.10 4.52
CA GLN C 117 18.71 -12.74 3.57
C GLN C 117 17.96 -13.28 2.36
N LYS C 118 16.72 -13.74 2.59
CA LYS C 118 15.92 -14.30 1.49
C LYS C 118 14.76 -13.42 1.02
N PHE C 119 14.64 -12.20 1.54
CA PHE C 119 13.57 -11.31 1.13
C PHE C 119 14.05 -9.87 0.95
N GLN C 120 14.99 -9.69 0.03
CA GLN C 120 15.52 -8.36 -0.24
C GLN C 120 14.50 -7.61 -1.10
N GLY C 121 14.60 -6.29 -1.12
CA GLY C 121 13.70 -5.52 -1.95
C GLY C 121 12.31 -5.12 -1.45
N VAL C 122 11.99 -5.37 -0.19
CA VAL C 122 10.69 -4.98 0.33
C VAL C 122 10.79 -3.57 0.91
N ARG C 123 10.09 -2.63 0.29
CA ARG C 123 10.09 -1.24 0.72
C ARG C 123 8.63 -0.78 0.74
N LEU C 124 8.40 0.46 1.16
CA LEU C 124 7.05 1.00 1.23
C LEU C 124 6.71 1.90 0.04
N LEU C 125 5.53 1.70 -0.52
CA LEU C 125 5.07 2.55 -1.60
C LEU C 125 4.58 3.84 -0.92
N ARG C 126 4.70 4.97 -1.60
CA ARG C 126 4.21 6.23 -1.03
C ARG C 126 2.86 6.45 -1.72
N GLN C 127 1.78 6.09 -1.03
CA GLN C 127 0.44 6.17 -1.60
C GLN C 127 -0.39 7.40 -1.30
N ASP C 128 -1.45 7.57 -2.09
CA ASP C 128 -2.38 8.66 -1.92
C ASP C 128 -3.24 8.32 -0.70
N PRO C 129 -3.46 9.30 0.20
CA PRO C 129 -4.25 9.14 1.41
C PRO C 129 -5.67 8.59 1.17
N ILE C 130 -6.35 9.15 0.17
CA ILE C 130 -7.71 8.73 -0.14
C ILE C 130 -7.78 7.26 -0.53
N GLU C 131 -7.00 6.86 -1.53
CA GLU C 131 -7.01 5.47 -1.95
C GLU C 131 -6.63 4.56 -0.78
N CYS C 132 -5.61 4.97 -0.05
CA CYS C 132 -5.14 4.18 1.06
C CYS C 132 -6.18 4.05 2.17
N LEU C 133 -6.88 5.13 2.46
CA LEU C 133 -7.91 5.11 3.49
C LEU C 133 -9.05 4.16 3.16
N PHE C 134 -9.54 4.25 1.93
CA PHE C 134 -10.65 3.40 1.54
C PHE C 134 -10.25 1.96 1.19
N SER C 135 -9.04 1.76 0.69
CA SER C 135 -8.63 0.40 0.40
C SER C 135 -8.54 -0.36 1.72
N PHE C 136 -7.92 0.23 2.73
CA PHE C 136 -7.79 -0.49 4.00
C PHE C 136 -9.05 -0.55 4.83
N ILE C 137 -10.01 0.33 4.57
CA ILE C 137 -11.27 0.24 5.30
C ILE C 137 -11.85 -1.10 4.84
N CYS C 138 -11.58 -1.42 3.57
CA CYS C 138 -12.05 -2.67 2.99
C CYS C 138 -11.21 -3.88 3.43
N SER C 139 -10.04 -3.64 4.02
CA SER C 139 -9.19 -4.74 4.45
C SER C 139 -9.72 -5.47 5.70
N SER C 140 -10.70 -4.87 6.38
CA SER C 140 -11.28 -5.46 7.58
C SER C 140 -11.71 -6.92 7.38
N CYS C 141 -11.19 -7.81 8.22
CA CYS C 141 -11.52 -9.25 8.15
C CYS C 141 -11.57 -9.66 6.69
N ASN C 142 -10.46 -9.46 6.00
CA ASN C 142 -10.42 -9.77 4.58
C ASN C 142 -9.05 -10.25 4.12
N ASN C 143 -9.03 -11.09 3.08
CA ASN C 143 -7.77 -11.59 2.53
C ASN C 143 -7.42 -10.72 1.33
N ILE C 144 -6.12 -10.52 1.10
CA ILE C 144 -5.63 -9.70 0.00
C ILE C 144 -6.35 -9.90 -1.33
N ALA C 145 -6.66 -11.14 -1.71
CA ALA C 145 -7.33 -11.36 -2.98
C ALA C 145 -8.76 -10.78 -3.00
N ARG C 146 -9.55 -11.05 -1.96
CA ARG C 146 -10.91 -10.51 -1.90
C ARG C 146 -10.84 -8.99 -1.82
N ILE C 147 -9.89 -8.48 -1.06
CA ILE C 147 -9.71 -7.04 -0.92
C ILE C 147 -9.46 -6.47 -2.32
N THR C 148 -8.55 -7.12 -3.04
CA THR C 148 -8.20 -6.70 -4.39
C THR C 148 -9.47 -6.64 -5.25
N GLY C 149 -10.34 -7.64 -5.12
CA GLY C 149 -11.56 -7.68 -5.88
C GLY C 149 -12.50 -6.52 -5.59
N MET C 150 -12.76 -6.27 -4.31
CA MET C 150 -13.65 -5.18 -3.91
C MET C 150 -13.12 -3.85 -4.44
N VAL C 151 -11.81 -3.62 -4.28
CA VAL C 151 -11.20 -2.37 -4.72
C VAL C 151 -11.29 -2.13 -6.23
N GLU C 152 -11.17 -3.19 -7.03
CA GLU C 152 -11.27 -3.03 -8.48
C GLU C 152 -12.71 -2.67 -8.85
N ARG C 153 -13.67 -3.36 -8.24
CA ARG C 153 -15.08 -3.10 -8.51
C ARG C 153 -15.45 -1.69 -8.07
N LEU C 154 -14.95 -1.29 -6.89
CA LEU C 154 -15.23 0.03 -6.36
C LEU C 154 -14.68 1.11 -7.31
N CYS C 155 -13.47 0.89 -7.84
CA CYS C 155 -12.88 1.85 -8.75
C CYS C 155 -13.59 1.83 -10.10
N GLN C 156 -13.95 0.64 -10.56
CA GLN C 156 -14.63 0.53 -11.85
C GLN C 156 -15.95 1.29 -11.85
N ALA C 157 -16.70 1.16 -10.76
CA ALA C 157 -17.99 1.81 -10.62
C ALA C 157 -17.99 3.28 -10.24
N PHE C 158 -16.96 3.77 -9.55
CA PHE C 158 -16.95 5.18 -9.14
C PHE C 158 -15.71 5.97 -9.49
N GLY C 159 -14.73 5.31 -10.10
CA GLY C 159 -13.51 6.01 -10.46
C GLY C 159 -13.46 6.52 -11.88
N PRO C 160 -12.65 7.55 -12.15
CA PRO C 160 -12.54 8.11 -13.50
C PRO C 160 -12.00 7.03 -14.46
N ARG C 161 -12.57 6.97 -15.65
CA ARG C 161 -12.15 6.01 -16.66
C ARG C 161 -10.87 6.48 -17.33
N LEU C 162 -9.86 5.62 -17.38
CA LEU C 162 -8.59 5.97 -18.00
C LEU C 162 -8.50 5.23 -19.34
N ILE C 163 -7.40 4.57 -19.62
CA ILE C 163 -7.29 3.86 -20.90
C ILE C 163 -7.62 2.38 -20.81
N GLN C 164 -7.73 1.73 -21.97
CA GLN C 164 -8.05 0.31 -22.04
C GLN C 164 -6.95 -0.52 -22.72
N LEU C 165 -6.51 -1.59 -22.05
CA LEU C 165 -5.49 -2.47 -22.60
C LEU C 165 -6.14 -3.85 -22.66
N ASP C 166 -6.15 -4.46 -23.85
CA ASP C 166 -6.79 -5.76 -24.03
C ASP C 166 -8.25 -5.59 -23.58
N ASP C 167 -8.70 -6.43 -22.65
CA ASP C 167 -10.07 -6.31 -22.16
C ASP C 167 -10.13 -5.66 -20.78
N VAL C 168 -9.06 -4.96 -20.40
CA VAL C 168 -9.00 -4.32 -19.11
C VAL C 168 -9.16 -2.81 -19.23
N THR C 169 -10.17 -2.24 -18.57
CA THR C 169 -10.36 -0.81 -18.60
C THR C 169 -9.86 -0.27 -17.26
N TYR C 170 -8.85 0.59 -17.29
CA TYR C 170 -8.33 1.13 -16.04
C TYR C 170 -9.14 2.31 -15.51
N HIS C 171 -9.31 2.34 -14.20
CA HIS C 171 -10.03 3.43 -13.55
C HIS C 171 -9.16 4.07 -12.46
N GLY C 172 -9.24 5.39 -12.34
CA GLY C 172 -8.50 6.07 -11.30
C GLY C 172 -9.27 5.84 -10.02
N PHE C 173 -8.66 6.13 -8.87
CA PHE C 173 -9.37 5.93 -7.61
C PHE C 173 -10.50 6.93 -7.47
N PRO C 174 -11.65 6.50 -6.92
CA PRO C 174 -12.78 7.41 -6.75
C PRO C 174 -12.45 8.60 -5.85
N SER C 175 -13.11 9.73 -6.09
CA SER C 175 -12.91 10.92 -5.27
C SER C 175 -13.84 10.81 -4.06
N LEU C 176 -13.68 11.74 -3.12
CA LEU C 176 -14.51 11.80 -1.92
C LEU C 176 -15.97 12.04 -2.28
N GLN C 177 -16.19 13.00 -3.17
CA GLN C 177 -17.53 13.33 -3.59
C GLN C 177 -18.27 12.14 -4.17
N ALA C 178 -17.60 11.39 -5.05
CA ALA C 178 -18.24 10.23 -5.64
C ALA C 178 -18.55 9.18 -4.57
N LEU C 179 -17.61 8.94 -3.68
CA LEU C 179 -17.82 7.93 -2.64
C LEU C 179 -18.89 8.38 -1.65
N ALA C 180 -19.10 9.70 -1.54
CA ALA C 180 -20.09 10.25 -0.63
C ALA C 180 -21.48 10.33 -1.25
N GLY C 181 -21.54 10.18 -2.58
CA GLY C 181 -22.80 10.25 -3.29
C GLY C 181 -23.94 9.39 -2.76
N PRO C 182 -25.17 9.66 -3.22
CA PRO C 182 -26.33 8.89 -2.76
C PRO C 182 -26.36 7.45 -3.28
N GLU C 183 -26.87 6.55 -2.45
CA GLU C 183 -26.99 5.13 -2.78
C GLU C 183 -25.67 4.41 -3.05
N VAL C 184 -24.56 5.07 -2.72
CA VAL C 184 -23.25 4.46 -2.91
C VAL C 184 -23.15 3.14 -2.13
N GLU C 185 -23.51 3.18 -0.85
CA GLU C 185 -23.46 1.98 -0.03
C GLU C 185 -24.19 0.82 -0.69
N ALA C 186 -25.45 1.04 -1.03
CA ALA C 186 -26.23 -0.02 -1.67
C ALA C 186 -25.53 -0.56 -2.92
N HIS C 187 -24.90 0.33 -3.68
CA HIS C 187 -24.20 -0.07 -4.89
C HIS C 187 -22.97 -0.93 -4.52
N LEU C 188 -22.26 -0.51 -3.49
CA LEU C 188 -21.07 -1.24 -3.04
C LEU C 188 -21.48 -2.62 -2.50
N ARG C 189 -22.63 -2.69 -1.83
CA ARG C 189 -23.10 -3.96 -1.31
C ARG C 189 -23.36 -4.90 -2.48
N LYS C 190 -23.92 -4.38 -3.57
CA LYS C 190 -24.17 -5.21 -4.74
C LYS C 190 -22.83 -5.60 -5.36
N LEU C 191 -21.78 -4.84 -5.03
CA LEU C 191 -20.45 -5.13 -5.54
C LEU C 191 -19.71 -6.08 -4.59
N GLY C 192 -20.41 -6.53 -3.56
CA GLY C 192 -19.85 -7.49 -2.61
C GLY C 192 -18.95 -7.01 -1.48
N LEU C 193 -19.02 -5.74 -1.11
CA LEU C 193 -18.16 -5.25 -0.04
C LEU C 193 -18.68 -5.58 1.36
N GLY C 194 -19.90 -6.11 1.43
CA GLY C 194 -20.46 -6.46 2.73
C GLY C 194 -20.64 -5.22 3.58
N TYR C 195 -20.49 -5.38 4.89
CA TYR C 195 -20.63 -4.27 5.83
C TYR C 195 -19.64 -3.15 5.53
N ARG C 196 -18.54 -3.50 4.88
CA ARG C 196 -17.52 -2.52 4.53
C ARG C 196 -18.14 -1.39 3.68
N ALA C 197 -19.18 -1.72 2.93
CA ALA C 197 -19.85 -0.72 2.08
C ALA C 197 -20.31 0.46 2.92
N ARG C 198 -20.85 0.17 4.10
CA ARG C 198 -21.33 1.20 5.01
C ARG C 198 -20.22 2.16 5.41
N TYR C 199 -19.08 1.60 5.78
CA TYR C 199 -17.97 2.44 6.21
C TYR C 199 -17.39 3.31 5.12
N VAL C 200 -17.37 2.78 3.89
CA VAL C 200 -16.85 3.56 2.79
C VAL C 200 -17.69 4.84 2.66
N SER C 201 -19.00 4.66 2.55
CA SER C 201 -19.90 5.80 2.43
C SER C 201 -19.78 6.74 3.64
N ALA C 202 -19.89 6.17 4.84
CA ALA C 202 -19.81 6.96 6.06
C ALA C 202 -18.54 7.78 6.20
N SER C 203 -17.38 7.17 5.93
CA SER C 203 -16.13 7.91 6.05
C SER C 203 -15.99 8.98 4.97
N ALA C 204 -16.60 8.75 3.82
CA ALA C 204 -16.52 9.76 2.76
C ALA C 204 -17.33 10.97 3.19
N ARG C 205 -18.53 10.75 3.71
CA ARG C 205 -19.38 11.84 4.15
C ARG C 205 -18.77 12.53 5.37
N ALA C 206 -18.27 11.74 6.31
CA ALA C 206 -17.67 12.30 7.51
C ALA C 206 -16.56 13.27 7.18
N ILE C 207 -15.69 12.88 6.26
CA ILE C 207 -14.57 13.73 5.87
C ILE C 207 -15.02 15.02 5.20
N LEU C 208 -15.95 14.90 4.26
CA LEU C 208 -16.44 16.07 3.54
C LEU C 208 -17.40 16.95 4.31
N GLU C 209 -18.22 16.33 5.16
CA GLU C 209 -19.23 17.08 5.90
C GLU C 209 -18.96 17.40 7.37
N GLU C 210 -17.93 16.78 7.96
CA GLU C 210 -17.61 17.02 9.37
C GLU C 210 -16.15 17.38 9.65
N GLN C 211 -15.22 16.71 8.98
CA GLN C 211 -13.80 16.95 9.23
C GLN C 211 -13.12 18.07 8.46
N GLY C 212 -13.80 18.66 7.48
CA GLY C 212 -13.16 19.73 6.73
C GLY C 212 -12.65 19.31 5.37
N GLY C 213 -13.21 18.24 4.81
CA GLY C 213 -12.82 17.78 3.50
C GLY C 213 -11.42 17.24 3.29
N LEU C 214 -11.06 17.11 2.01
CA LEU C 214 -9.78 16.59 1.58
C LEU C 214 -8.58 17.23 2.24
N ALA C 215 -8.59 18.56 2.35
CA ALA C 215 -7.47 19.28 2.96
C ALA C 215 -7.14 18.73 4.35
N TRP C 216 -8.16 18.30 5.07
CA TRP C 216 -8.00 17.75 6.41
C TRP C 216 -7.14 16.48 6.39
N LEU C 217 -7.46 15.58 5.46
CA LEU C 217 -6.72 14.32 5.34
C LEU C 217 -5.30 14.58 4.87
N GLN C 218 -5.16 15.42 3.86
CA GLN C 218 -3.86 15.73 3.29
C GLN C 218 -2.88 16.44 4.22
N GLN C 219 -3.38 17.38 5.00
CA GLN C 219 -2.51 18.12 5.91
C GLN C 219 -1.97 17.24 7.04
N LEU C 220 -2.47 16.01 7.11
CA LEU C 220 -2.03 15.07 8.13
C LEU C 220 -0.59 14.62 7.88
N ARG C 221 -0.12 14.80 6.65
CA ARG C 221 1.25 14.44 6.32
C ARG C 221 2.23 15.23 7.17
N GLU C 222 1.89 16.49 7.43
CA GLU C 222 2.75 17.37 8.23
C GLU C 222 2.59 17.16 9.73
N SER C 223 1.49 16.52 10.13
CA SER C 223 1.23 16.26 11.54
C SER C 223 2.11 15.11 12.04
N SER C 224 2.21 14.98 13.37
CA SER C 224 3.01 13.91 13.96
C SER C 224 2.22 12.60 13.89
N TYR C 225 2.94 11.49 13.90
CA TYR C 225 2.32 10.18 13.84
C TYR C 225 1.21 10.06 14.88
N GLU C 226 1.48 10.51 16.10
CA GLU C 226 0.51 10.44 17.18
C GLU C 226 -0.78 11.18 16.81
N GLU C 227 -0.63 12.40 16.31
CA GLU C 227 -1.78 13.19 15.91
C GLU C 227 -2.50 12.49 14.77
N ALA C 228 -1.76 12.24 13.69
CA ALA C 228 -2.33 11.58 12.51
C ALA C 228 -3.15 10.36 12.89
N HIS C 229 -2.53 9.45 13.63
CA HIS C 229 -3.23 8.24 14.04
C HIS C 229 -4.51 8.50 14.83
N LYS C 230 -4.49 9.49 15.72
CA LYS C 230 -5.68 9.80 16.50
C LYS C 230 -6.79 10.34 15.61
N ALA C 231 -6.45 11.30 14.76
CA ALA C 231 -7.42 11.89 13.83
C ALA C 231 -8.11 10.80 13.00
N LEU C 232 -7.31 9.94 12.35
CA LEU C 232 -7.83 8.86 11.51
C LEU C 232 -8.79 7.92 12.23
N CYS C 233 -8.53 7.60 13.49
CA CYS C 233 -9.41 6.69 14.22
C CYS C 233 -10.82 7.23 14.42
N ILE C 234 -11.03 8.51 14.10
CA ILE C 234 -12.35 9.12 14.24
C ILE C 234 -13.30 8.59 13.16
N LEU C 235 -12.82 8.55 11.93
CA LEU C 235 -13.60 8.08 10.78
C LEU C 235 -14.21 6.71 11.01
N PRO C 236 -15.44 6.50 10.51
CA PRO C 236 -16.14 5.21 10.65
C PRO C 236 -15.38 4.10 9.91
N GLY C 237 -15.21 2.97 10.57
CA GLY C 237 -14.51 1.85 9.95
C GLY C 237 -13.01 1.90 10.12
N VAL C 238 -12.49 3.00 10.67
CA VAL C 238 -11.05 3.10 10.86
C VAL C 238 -10.62 2.85 12.31
N GLY C 239 -10.04 1.68 12.55
CA GLY C 239 -9.57 1.34 13.88
C GLY C 239 -8.07 1.54 13.96
N THR C 240 -7.44 0.96 14.98
CA THR C 240 -6.00 1.09 15.16
C THR C 240 -5.16 0.55 14.00
N GLN C 241 -5.47 -0.64 13.53
CA GLN C 241 -4.73 -1.24 12.43
C GLN C 241 -4.88 -0.47 11.12
N VAL C 242 -6.12 -0.16 10.74
CA VAL C 242 -6.37 0.57 9.51
C VAL C 242 -5.69 1.92 9.56
N ALA C 243 -5.73 2.56 10.73
CA ALA C 243 -5.10 3.86 10.92
C ALA C 243 -3.59 3.79 10.77
N ASP C 244 -2.98 2.73 11.30
CA ASP C 244 -1.54 2.57 11.19
C ASP C 244 -1.13 2.33 9.74
N CYS C 245 -1.88 1.47 9.04
CA CYS C 245 -1.59 1.19 7.64
C CYS C 245 -1.52 2.51 6.89
N ILE C 246 -2.49 3.38 7.17
CA ILE C 246 -2.57 4.67 6.52
C ILE C 246 -1.42 5.59 6.91
N CYS C 247 -1.09 5.66 8.20
CA CYS C 247 0.01 6.52 8.63
C CYS C 247 1.32 6.07 7.99
N LEU C 248 1.53 4.76 7.93
CA LEU C 248 2.77 4.22 7.38
C LEU C 248 2.88 4.31 5.86
N MET C 249 1.82 3.91 5.17
CA MET C 249 1.83 3.88 3.72
C MET C 249 1.45 5.13 2.97
N ALA C 250 0.74 6.06 3.62
CA ALA C 250 0.31 7.26 2.92
C ALA C 250 0.61 8.59 3.60
N LEU C 251 0.93 8.60 4.89
CA LEU C 251 1.19 9.86 5.58
C LEU C 251 2.64 10.09 6.04
N ASP C 252 3.57 9.35 5.45
CA ASP C 252 4.99 9.47 5.76
C ASP C 252 5.32 9.26 7.25
N LYS C 253 4.65 8.29 7.87
CA LYS C 253 4.90 7.97 9.27
C LYS C 253 5.58 6.60 9.28
N PRO C 254 6.90 6.56 9.00
CA PRO C 254 7.66 5.31 8.97
C PRO C 254 7.78 4.51 10.26
N GLN C 255 7.42 5.10 11.41
CA GLN C 255 7.48 4.35 12.66
C GLN C 255 6.12 3.74 12.96
N ALA C 256 5.16 4.01 12.09
CA ALA C 256 3.83 3.47 12.26
C ALA C 256 3.93 1.97 11.98
N VAL C 257 3.45 1.17 12.92
CA VAL C 257 3.51 -0.27 12.77
C VAL C 257 2.15 -0.94 12.85
N PRO C 258 1.63 -1.40 11.71
CA PRO C 258 0.32 -2.06 11.71
C PRO C 258 0.44 -3.40 12.42
N VAL C 259 -0.44 -3.65 13.37
CA VAL C 259 -0.42 -4.92 14.10
C VAL C 259 -1.68 -5.73 13.77
N ASP C 260 -1.49 -6.77 12.95
CA ASP C 260 -2.61 -7.62 12.54
C ASP C 260 -2.30 -9.05 13.02
N VAL C 261 -3.11 -10.00 12.57
CA VAL C 261 -2.90 -11.39 12.95
C VAL C 261 -1.52 -11.89 12.52
N HIS C 262 -1.08 -11.50 11.33
CA HIS C 262 0.23 -11.92 10.86
C HIS C 262 1.33 -11.48 11.83
N MET C 263 1.36 -10.19 12.15
CA MET C 263 2.37 -9.67 13.06
C MET C 263 2.29 -10.29 14.46
N TRP C 264 1.11 -10.73 14.87
CA TRP C 264 0.96 -11.36 16.18
C TRP C 264 1.63 -12.73 16.16
N HIS C 265 1.39 -13.48 15.09
CA HIS C 265 1.98 -14.81 14.93
C HIS C 265 3.49 -14.66 14.85
N ILE C 266 3.94 -13.63 14.13
CA ILE C 266 5.36 -13.37 13.97
C ILE C 266 5.97 -13.04 15.34
N ALA C 267 5.28 -12.21 16.11
CA ALA C 267 5.77 -11.80 17.41
C ALA C 267 5.94 -13.00 18.36
N GLN C 268 4.93 -13.85 18.42
CA GLN C 268 5.00 -15.03 19.30
C GLN C 268 5.98 -16.08 18.79
N ARG C 269 5.76 -16.51 17.55
CA ARG C 269 6.60 -17.53 16.93
C ARG C 269 8.08 -17.17 16.75
N ASP C 270 8.36 -15.93 16.37
CA ASP C 270 9.74 -15.52 16.13
C ASP C 270 10.44 -14.70 17.22
N TYR C 271 9.68 -14.21 18.19
CA TYR C 271 10.29 -13.44 19.26
C TYR C 271 9.78 -13.89 20.63
N SER C 272 8.98 -14.95 20.65
CA SER C 272 8.42 -15.48 21.88
C SER C 272 7.83 -14.33 22.70
N TRP C 273 7.26 -13.35 22.00
CA TRP C 273 6.67 -12.18 22.64
C TRP C 273 5.35 -12.47 23.36
N HIS C 274 5.15 -11.75 24.47
CA HIS C 274 3.94 -11.86 25.27
C HIS C 274 3.61 -10.48 25.84
N PRO C 275 2.31 -10.17 26.00
CA PRO C 275 1.91 -8.87 26.53
C PRO C 275 2.41 -8.72 27.98
N THR C 276 2.90 -7.53 28.32
CA THR C 276 3.40 -7.26 29.66
C THR C 276 2.39 -6.44 30.44
N THR C 277 2.21 -5.21 30.00
CA THR C 277 1.28 -4.28 30.64
C THR C 277 -0.17 -4.56 30.27
N SER C 278 -0.37 -5.30 29.19
CA SER C 278 -1.71 -5.62 28.73
C SER C 278 -2.39 -6.64 29.63
N GLN C 279 -3.72 -6.57 29.67
CA GLN C 279 -4.53 -7.46 30.49
C GLN C 279 -4.76 -8.79 29.78
N ALA C 280 -5.18 -8.70 28.52
CA ALA C 280 -5.46 -9.87 27.69
C ALA C 280 -4.21 -10.67 27.38
N LYS C 281 -4.40 -11.87 26.83
CA LYS C 281 -3.31 -12.75 26.46
C LYS C 281 -3.17 -12.77 24.95
N GLY C 282 -4.25 -12.38 24.27
CA GLY C 282 -4.24 -12.34 22.82
C GLY C 282 -4.55 -10.95 22.27
N PRO C 283 -4.90 -10.85 20.98
CA PRO C 283 -5.22 -9.56 20.36
C PRO C 283 -6.33 -8.78 21.07
N SER C 284 -6.04 -7.51 21.34
CA SER C 284 -6.99 -6.64 22.01
C SER C 284 -6.47 -5.22 21.80
N PRO C 285 -7.33 -4.21 21.96
CA PRO C 285 -6.83 -2.84 21.76
C PRO C 285 -5.60 -2.47 22.59
N GLN C 286 -5.46 -3.09 23.77
CA GLN C 286 -4.31 -2.81 24.64
C GLN C 286 -3.08 -3.64 24.27
N THR C 287 -3.28 -4.90 23.89
CA THR C 287 -2.16 -5.76 23.52
C THR C 287 -1.61 -5.35 22.16
N ASN C 288 -2.49 -4.95 21.24
CA ASN C 288 -2.07 -4.54 19.91
C ASN C 288 -1.23 -3.28 20.02
N LYS C 289 -1.63 -2.38 20.92
CA LYS C 289 -0.89 -1.15 21.09
C LYS C 289 0.50 -1.48 21.63
N GLU C 290 0.54 -2.36 22.62
CA GLU C 290 1.79 -2.75 23.25
C GLU C 290 2.73 -3.43 22.26
N LEU C 291 2.20 -4.34 21.46
CA LEU C 291 3.01 -5.05 20.47
C LEU C 291 3.60 -4.04 19.48
N GLY C 292 2.83 -3.00 19.16
CA GLY C 292 3.31 -1.99 18.23
C GLY C 292 4.50 -1.25 18.80
N ASN C 293 4.43 -0.96 20.09
CA ASN C 293 5.53 -0.26 20.75
C ASN C 293 6.73 -1.20 20.88
N PHE C 294 6.47 -2.49 20.98
CA PHE C 294 7.54 -3.48 21.06
C PHE C 294 8.32 -3.41 19.75
N PHE C 295 7.61 -3.49 18.62
CA PHE C 295 8.31 -3.43 17.34
C PHE C 295 9.05 -2.10 17.15
N ARG C 296 8.49 -1.02 17.66
CA ARG C 296 9.15 0.28 17.54
C ARG C 296 10.44 0.30 18.36
N SER C 297 10.40 -0.20 19.59
CA SER C 297 11.60 -0.18 20.41
C SER C 297 12.63 -1.13 19.84
N LEU C 298 12.18 -2.16 19.14
CA LEU C 298 13.10 -3.12 18.54
C LEU C 298 13.76 -2.66 17.23
N TRP C 299 12.98 -2.05 16.34
CA TRP C 299 13.53 -1.64 15.05
C TRP C 299 13.88 -0.17 14.87
N GLY C 300 13.28 0.71 15.66
CA GLY C 300 13.60 2.12 15.51
C GLY C 300 12.58 2.94 14.75
N PRO C 301 12.94 4.16 14.32
CA PRO C 301 12.15 5.15 13.58
C PRO C 301 11.47 4.62 12.30
N TYR C 302 12.03 3.57 11.71
CA TYR C 302 11.45 2.98 10.50
C TYR C 302 10.91 1.58 10.75
N ALA C 303 10.46 1.35 11.97
CA ALA C 303 9.91 0.04 12.35
C ALA C 303 8.82 -0.38 11.39
N GLY C 304 8.02 0.58 10.95
CA GLY C 304 6.94 0.27 10.03
C GLY C 304 7.44 -0.38 8.77
N TRP C 305 8.60 0.06 8.29
CA TRP C 305 9.18 -0.50 7.08
C TRP C 305 9.69 -1.90 7.37
N ALA C 306 10.34 -2.08 8.52
CA ALA C 306 10.86 -3.39 8.90
C ALA C 306 9.65 -4.30 8.94
N GLN C 307 8.56 -3.80 9.49
CA GLN C 307 7.32 -4.54 9.57
C GLN C 307 6.88 -5.04 8.20
N ALA C 308 7.03 -4.19 7.19
CA ALA C 308 6.66 -4.53 5.81
C ALA C 308 7.44 -5.73 5.27
N VAL C 309 8.70 -5.84 5.68
CA VAL C 309 9.54 -6.94 5.23
C VAL C 309 9.02 -8.27 5.77
N LEU C 310 8.89 -8.39 7.09
CA LEU C 310 8.41 -9.62 7.69
C LEU C 310 6.97 -9.96 7.32
N PHE C 311 6.11 -8.95 7.25
CA PHE C 311 4.71 -9.20 6.87
C PHE C 311 4.68 -9.82 5.48
N SER C 312 5.36 -9.17 4.55
CA SER C 312 5.43 -9.63 3.17
C SER C 312 6.03 -11.03 3.10
N ALA C 313 7.05 -11.28 3.92
CA ALA C 313 7.68 -12.60 3.95
C ALA C 313 6.72 -13.63 4.56
N ASP C 314 5.90 -13.19 5.51
CA ASP C 314 4.96 -14.11 6.14
C ASP C 314 3.81 -14.54 5.23
N LEU C 315 3.59 -13.81 4.14
CA LEU C 315 2.54 -14.17 3.20
C LEU C 315 2.97 -15.35 2.33
N ARG C 316 4.29 -15.45 2.11
CA ARG C 316 4.85 -16.54 1.30
C ARG C 316 4.81 -17.89 1.99
N GLN C 317 4.23 -17.93 3.19
CA GLN C 317 4.13 -19.19 3.92
C GLN C 317 2.89 -19.91 3.42
CA CA D . -8.95 -11.56 11.03
CA CA E . -13.12 4.88 14.21
#